data_1JP0
#
_entry.id   1JP0
#
_cell.length_a   ?
_cell.length_b   ?
_cell.length_c   ?
_cell.angle_alpha   ?
_cell.angle_beta   ?
_cell.angle_gamma   ?
#
_entity_poly.entity_id   1
_entity_poly.type   'polyribonucleotide'
_entity_poly.pdbx_seq_one_letter_code
;GGCGGUGCUGAGAUGCCCGUC
;
_entity_poly.pdbx_strand_id   A
#